data_4HHU
#
_entry.id   4HHU
#
_cell.length_a   58.426
_cell.length_b   63.623
_cell.length_c   81.168
_cell.angle_alpha   90.000
_cell.angle_beta   90.000
_cell.angle_gamma   90.000
#
_symmetry.space_group_name_H-M   'P 21 21 21'
#
loop_
_entity.id
_entity.type
_entity.pdbx_description
1 polymer OR280
2 non-polymer 3,6,9,12,15-PENTAOXAHEPTADECAN-1-OL
3 non-polymer 'TETRAETHYLENE GLYCOL'
4 water water
#
_entity_poly.entity_id   1
_entity_poly.type   'polypeptide(L)'
_entity_poly.pdbx_seq_one_letter_code
;(MSE)GV(MSE)VIVFEGDDLEALEKALKE(MSE)IRQARKFAGTVTYTLSGNRLVIVITGVPEQVRKELAKEAERLKAE
FNINVQYQI(MSE)GSGSGV(MSE)VIVFEGDDLEALEKALKE(MSE)IRQARKFAGTVTYTLSGNRLVIVITGVPEQVR
KELAKEAERLKAEFNINVQYQI(MSE)TGSLEHHHHHH
;
_entity_poly.pdbx_strand_id   A,B
#
# COMPACT_ATOMS: atom_id res chain seq x y z
N GLY A 2 -13.48 11.82 -10.45
CA GLY A 2 -13.45 11.87 -9.00
C GLY A 2 -12.85 10.58 -8.47
N VAL A 3 -12.39 10.61 -7.23
CA VAL A 3 -11.79 9.42 -6.63
C VAL A 3 -12.53 9.09 -5.34
N VAL A 5 -12.23 6.91 -1.63
CA VAL A 5 -11.39 6.18 -0.70
C VAL A 5 -12.27 5.52 0.34
N ILE A 6 -12.14 4.21 0.48
CA ILE A 6 -12.92 3.45 1.45
C ILE A 6 -11.97 2.68 2.36
N VAL A 7 -12.16 2.80 3.66
CA VAL A 7 -11.31 2.11 4.61
C VAL A 7 -12.11 1.25 5.58
N PHE A 8 -11.80 -0.05 5.59
CA PHE A 8 -12.44 -1.00 6.48
C PHE A 8 -11.47 -1.31 7.61
N GLU A 9 -12.02 -1.63 8.78
CA GLU A 9 -11.20 -1.98 9.95
C GLU A 9 -11.95 -3.05 10.76
N GLY A 10 -11.20 -3.97 11.32
CA GLY A 10 -11.81 -5.03 12.13
C GLY A 10 -10.76 -5.98 12.71
N ASP A 11 -11.16 -6.78 13.69
CA ASP A 11 -10.23 -7.72 14.32
C ASP A 11 -10.19 -9.06 13.58
N ASP A 12 -11.19 -9.27 12.73
CA ASP A 12 -11.32 -10.51 11.98
C ASP A 12 -10.82 -10.36 10.55
N LEU A 13 -9.63 -10.86 10.25
CA LEU A 13 -9.06 -10.74 8.91
C LEU A 13 -9.90 -11.41 7.83
N GLU A 14 -10.44 -12.59 8.12
CA GLU A 14 -11.28 -13.29 7.16
C GLU A 14 -12.49 -12.45 6.79
N ALA A 15 -13.07 -11.78 7.79
CA ALA A 15 -14.24 -10.93 7.54
C ALA A 15 -13.83 -9.73 6.68
N LEU A 16 -12.65 -9.18 6.94
CA LEU A 16 -12.18 -8.04 6.17
C LEU A 16 -11.94 -8.44 4.72
N GLU A 17 -11.38 -9.62 4.52
CA GLU A 17 -11.10 -10.08 3.17
C GLU A 17 -12.35 -10.46 2.39
N LYS A 18 -13.42 -10.85 3.07
CA LYS A 18 -14.66 -11.17 2.36
C LYS A 18 -15.23 -9.83 1.87
N ALA A 19 -15.13 -8.82 2.74
CA ALA A 19 -15.60 -7.48 2.41
C ALA A 19 -14.82 -6.93 1.22
N LEU A 20 -13.51 -7.13 1.22
CA LEU A 20 -12.67 -6.68 0.13
C LEU A 20 -13.16 -7.26 -1.20
N LYS A 21 -13.32 -8.58 -1.24
CA LYS A 21 -13.77 -9.24 -2.46
C LYS A 21 -15.11 -8.75 -2.98
N GLU A 22 -16.05 -8.51 -2.09
CA GLU A 22 -17.37 -8.03 -2.49
C GLU A 22 -17.32 -6.59 -3.01
N ILE A 24 -14.71 -5.15 -4.29
CA ILE A 24 -14.01 -5.20 -5.57
C ILE A 24 -14.96 -5.60 -6.69
N ARG A 25 -15.77 -6.61 -6.40
CA ARG A 25 -16.72 -7.13 -7.36
C ARG A 25 -17.69 -6.01 -7.75
N GLN A 26 -18.23 -5.33 -6.75
CA GLN A 26 -19.15 -4.23 -6.98
C GLN A 26 -18.52 -3.10 -7.79
N ALA A 27 -17.32 -2.69 -7.40
CA ALA A 27 -16.61 -1.61 -8.10
C ALA A 27 -16.35 -1.95 -9.56
N ARG A 28 -15.88 -3.17 -9.82
CA ARG A 28 -15.59 -3.59 -11.18
C ARG A 28 -16.85 -3.77 -12.02
N LYS A 29 -17.99 -4.03 -11.38
CA LYS A 29 -19.24 -4.21 -12.11
C LYS A 29 -19.58 -2.89 -12.79
N PHE A 30 -19.20 -1.78 -12.16
CA PHE A 30 -19.44 -0.44 -12.70
C PHE A 30 -18.24 0.02 -13.52
N ALA A 31 -17.34 -0.92 -13.83
CA ALA A 31 -16.14 -0.63 -14.61
C ALA A 31 -15.21 0.34 -13.89
N GLY A 32 -15.23 0.31 -12.56
CA GLY A 32 -14.34 1.17 -11.81
C GLY A 32 -13.02 0.44 -11.69
N THR A 33 -11.94 1.16 -11.42
CA THR A 33 -10.64 0.53 -11.27
C THR A 33 -10.28 0.56 -9.79
N VAL A 34 -9.93 -0.60 -9.24
CA VAL A 34 -9.61 -0.65 -7.81
C VAL A 34 -8.14 -0.83 -7.47
N THR A 35 -7.76 -0.18 -6.37
CA THR A 35 -6.42 -0.26 -5.82
C THR A 35 -6.70 -0.60 -4.35
N TYR A 36 -5.96 -1.56 -3.79
CA TYR A 36 -6.21 -1.91 -2.40
C TYR A 36 -4.98 -2.43 -1.68
N THR A 37 -4.98 -2.19 -0.37
CA THR A 37 -3.89 -2.60 0.50
C THR A 37 -4.45 -3.08 1.83
N LEU A 38 -4.02 -4.26 2.27
CA LEU A 38 -4.43 -4.78 3.57
C LEU A 38 -3.12 -4.82 4.36
N SER A 39 -3.10 -4.11 5.48
CA SER A 39 -1.93 -4.07 6.33
C SER A 39 -2.43 -4.02 7.77
N GLY A 40 -2.02 -5.01 8.58
CA GLY A 40 -2.48 -5.05 9.95
C GLY A 40 -3.95 -5.38 9.95
N ASN A 41 -4.76 -4.55 10.60
CA ASN A 41 -6.20 -4.78 10.62
C ASN A 41 -6.95 -3.66 9.92
N ARG A 42 -6.26 -3.02 8.96
CA ARG A 42 -6.86 -1.94 8.18
C ARG A 42 -6.87 -2.38 6.72
N LEU A 43 -7.93 -2.00 6.00
CA LEU A 43 -8.07 -2.33 4.59
C LEU A 43 -8.44 -1.06 3.83
N VAL A 44 -7.49 -0.57 3.03
CA VAL A 44 -7.68 0.66 2.26
C VAL A 44 -7.97 0.36 0.79
N ILE A 45 -9.12 0.81 0.31
CA ILE A 45 -9.52 0.59 -1.07
C ILE A 45 -9.72 1.93 -1.77
N VAL A 46 -9.11 2.09 -2.95
CA VAL A 46 -9.25 3.31 -3.72
C VAL A 46 -9.92 2.91 -5.03
N ILE A 47 -10.95 3.67 -5.41
CA ILE A 47 -11.68 3.38 -6.64
C ILE A 47 -11.73 4.58 -7.57
N THR A 48 -11.33 4.37 -8.82
CA THR A 48 -11.34 5.43 -9.82
C THR A 48 -12.15 4.96 -11.04
N GLY A 49 -12.37 5.88 -11.98
CA GLY A 49 -13.11 5.54 -13.18
C GLY A 49 -14.62 5.32 -13.09
N VAL A 50 -15.28 5.96 -12.13
CA VAL A 50 -16.73 5.83 -12.01
C VAL A 50 -17.38 7.20 -11.81
N PRO A 51 -18.54 7.43 -12.42
CA PRO A 51 -19.26 8.70 -12.30
C PRO A 51 -19.87 8.94 -10.92
N GLU A 52 -20.32 10.16 -10.67
CA GLU A 52 -20.89 10.54 -9.37
C GLU A 52 -22.01 9.65 -8.83
N GLN A 53 -22.97 9.31 -9.69
CA GLN A 53 -24.08 8.47 -9.27
C GLN A 53 -23.62 7.11 -8.77
N VAL A 54 -22.57 6.58 -9.40
CA VAL A 54 -22.03 5.28 -9.02
C VAL A 54 -21.32 5.37 -7.66
N ARG A 55 -20.54 6.44 -7.47
CA ARG A 55 -19.85 6.62 -6.21
C ARG A 55 -20.85 6.58 -5.05
N LYS A 56 -22.03 7.16 -5.27
CA LYS A 56 -23.05 7.15 -4.22
C LYS A 56 -23.52 5.72 -3.98
N GLU A 57 -23.66 4.96 -5.06
CA GLU A 57 -24.08 3.56 -4.96
C GLU A 57 -23.03 2.75 -4.19
N LEU A 58 -21.76 3.01 -4.48
CA LEU A 58 -20.67 2.31 -3.82
C LEU A 58 -20.60 2.69 -2.34
N ALA A 59 -21.05 3.91 -2.04
CA ALA A 59 -21.07 4.39 -0.65
C ALA A 59 -22.10 3.54 0.09
N LYS A 60 -23.21 3.28 -0.58
CA LYS A 60 -24.29 2.47 -0.04
C LYS A 60 -23.78 1.04 0.18
N GLU A 61 -23.05 0.53 -0.81
CA GLU A 61 -22.52 -0.82 -0.73
C GLU A 61 -21.55 -0.93 0.45
N ALA A 62 -20.76 0.13 0.67
CA ALA A 62 -19.81 0.14 1.78
C ALA A 62 -20.56 0.02 3.10
N GLU A 63 -21.67 0.75 3.21
CA GLU A 63 -22.49 0.72 4.41
C GLU A 63 -23.11 -0.67 4.60
N ARG A 64 -23.54 -1.26 3.49
CA ARG A 64 -24.15 -2.58 3.52
C ARG A 64 -23.17 -3.64 4.02
N LEU A 65 -21.91 -3.54 3.59
CA LEU A 65 -20.89 -4.50 3.98
C LEU A 65 -20.54 -4.41 5.47
N LYS A 66 -20.71 -3.22 6.04
CA LYS A 66 -20.45 -3.03 7.45
C LYS A 66 -21.38 -3.94 8.26
N ALA A 67 -22.65 -3.96 7.86
CA ALA A 67 -23.65 -4.78 8.54
C ALA A 67 -23.55 -6.26 8.12
N GLU A 68 -23.14 -6.49 6.88
CA GLU A 68 -23.01 -7.85 6.36
C GLU A 68 -21.84 -8.63 6.97
N PHE A 69 -20.73 -7.92 7.25
CA PHE A 69 -19.55 -8.57 7.80
C PHE A 69 -19.07 -8.10 9.18
N ASN A 70 -19.88 -7.27 9.85
CA ASN A 70 -19.52 -6.76 11.17
C ASN A 70 -18.13 -6.10 11.26
N ILE A 71 -17.90 -5.10 10.42
CA ILE A 71 -16.62 -4.39 10.40
C ILE A 71 -16.90 -2.90 10.41
N ASN A 72 -15.88 -2.10 10.74
CA ASN A 72 -16.03 -0.65 10.75
C ASN A 72 -15.65 -0.14 9.36
N VAL A 73 -16.32 0.92 8.91
CA VAL A 73 -16.01 1.46 7.60
C VAL A 73 -16.19 2.97 7.52
N GLN A 74 -15.38 3.60 6.68
CA GLN A 74 -15.47 5.04 6.47
C GLN A 74 -15.12 5.22 5.00
N TYR A 75 -15.49 6.36 4.44
CA TYR A 75 -15.18 6.63 3.05
C TYR A 75 -15.28 8.10 2.75
N GLN A 76 -14.54 8.51 1.73
CA GLN A 76 -14.53 9.89 1.28
C GLN A 76 -14.45 9.91 -0.23
N ILE A 77 -15.10 10.91 -0.81
CA ILE A 77 -15.09 11.09 -2.24
C ILE A 77 -14.26 12.37 -2.39
N GLY A 79 -11.14 14.76 -5.04
CA GLY A 79 -10.61 15.05 -6.36
C GLY A 79 -9.38 14.25 -6.73
N SER A 80 -9.22 14.03 -8.03
CA SER A 80 -8.08 13.31 -8.54
C SER A 80 -6.86 14.17 -8.26
N GLY A 81 -5.74 13.54 -7.91
CA GLY A 81 -4.55 14.32 -7.62
C GLY A 81 -4.54 14.97 -6.25
N SER A 82 -5.56 14.71 -5.44
CA SER A 82 -5.61 15.26 -4.10
C SER A 82 -4.80 14.30 -3.20
N GLY A 83 -4.13 14.84 -2.19
CA GLY A 83 -3.34 13.99 -1.30
C GLY A 83 -4.16 13.38 -0.19
N VAL A 84 -3.91 12.11 0.10
CA VAL A 84 -4.64 11.45 1.18
C VAL A 84 -3.70 10.79 2.17
N VAL A 86 -3.75 8.22 5.69
CA VAL A 86 -4.47 7.32 6.59
C VAL A 86 -3.58 7.10 7.80
N ILE A 87 -4.09 7.40 8.99
CA ILE A 87 -3.30 7.24 10.20
C ILE A 87 -3.99 6.27 11.15
N VAL A 88 -3.28 5.22 11.54
CA VAL A 88 -3.82 4.22 12.44
C VAL A 88 -3.17 4.22 13.83
N PHE A 89 -4.01 4.45 14.85
CA PHE A 89 -3.57 4.48 16.23
C PHE A 89 -4.11 3.23 16.94
N GLU A 90 -3.28 2.58 17.74
CA GLU A 90 -3.66 1.37 18.48
C GLU A 90 -3.27 1.50 19.96
N GLY A 91 -4.18 1.09 20.85
CA GLY A 91 -3.89 1.17 22.28
C GLY A 91 -4.94 0.54 23.18
N ASP A 92 -4.56 0.20 24.40
CA ASP A 92 -5.47 -0.43 25.36
C ASP A 92 -6.36 0.58 26.08
N ASP A 93 -5.93 1.83 26.16
CA ASP A 93 -6.69 2.87 26.84
C ASP A 93 -7.49 3.71 25.85
N LEU A 94 -8.76 3.38 25.69
CA LEU A 94 -9.65 4.10 24.77
C LEU A 94 -9.63 5.62 24.95
N GLU A 95 -9.61 6.09 26.20
CA GLU A 95 -9.59 7.53 26.44
C GLU A 95 -8.38 8.18 25.76
N ALA A 96 -7.31 7.42 25.61
CA ALA A 96 -6.10 7.93 24.97
C ALA A 96 -6.34 8.06 23.47
N LEU A 97 -7.09 7.13 22.90
CA LEU A 97 -7.39 7.17 21.48
C LEU A 97 -8.32 8.35 21.19
N GLU A 98 -9.25 8.63 22.10
CA GLU A 98 -10.18 9.74 21.92
C GLU A 98 -9.48 11.09 21.95
N LYS A 99 -8.45 11.20 22.78
CA LYS A 99 -7.67 12.43 22.88
C LYS A 99 -6.97 12.64 21.55
N ALA A 100 -6.40 11.54 21.03
CA ALA A 100 -5.68 11.56 19.76
C ALA A 100 -6.64 11.98 18.64
N LEU A 101 -7.85 11.44 18.66
CA LEU A 101 -8.84 11.77 17.65
C LEU A 101 -9.14 13.26 17.68
N LYS A 102 -9.42 13.78 18.87
CA LYS A 102 -9.71 15.21 19.02
C LYS A 102 -8.55 16.08 18.55
N GLU A 103 -7.32 15.68 18.87
CA GLU A 103 -6.16 16.47 18.46
C GLU A 103 -5.92 16.42 16.95
N ILE A 105 -8.13 15.88 14.66
CA ILE A 105 -9.21 16.62 14.02
C ILE A 105 -8.89 18.12 14.06
N ARG A 106 -8.47 18.60 15.23
CA ARG A 106 -8.11 20.01 15.40
C ARG A 106 -7.08 20.41 14.35
N GLN A 107 -6.06 19.56 14.19
CA GLN A 107 -4.99 19.82 13.22
C GLN A 107 -5.45 19.78 11.77
N ALA A 108 -6.29 18.80 11.42
CA ALA A 108 -6.79 18.69 10.06
C ALA A 108 -7.61 19.93 9.69
N ARG A 109 -8.43 20.40 10.63
CA ARG A 109 -9.25 21.57 10.41
C ARG A 109 -8.39 22.80 10.22
N LYS A 110 -7.32 22.90 10.99
CA LYS A 110 -6.42 24.03 10.89
C LYS A 110 -5.85 24.14 9.47
N PHE A 111 -5.56 22.99 8.86
CA PHE A 111 -5.01 22.94 7.51
C PHE A 111 -6.04 22.67 6.42
N ALA A 112 -7.32 22.77 6.78
CA ALA A 112 -8.42 22.58 5.84
C ALA A 112 -8.42 21.21 5.18
N GLY A 113 -8.07 20.18 5.93
CA GLY A 113 -8.09 18.84 5.39
C GLY A 113 -9.44 18.25 5.76
N THR A 114 -10.01 17.45 4.87
CA THR A 114 -11.30 16.86 5.17
C THR A 114 -11.09 15.54 5.92
N VAL A 115 -11.67 15.41 7.11
CA VAL A 115 -11.45 14.19 7.87
C VAL A 115 -12.67 13.30 8.19
N THR A 116 -12.42 11.99 8.19
CA THR A 116 -13.40 10.97 8.55
C THR A 116 -12.62 10.01 9.44
N TYR A 117 -13.30 9.16 10.19
CA TYR A 117 -12.60 8.23 11.07
C TYR A 117 -13.51 7.09 11.52
N THR A 118 -12.90 6.05 12.08
CA THR A 118 -13.62 4.93 12.66
C THR A 118 -12.86 4.64 13.93
N LEU A 119 -13.59 4.34 14.99
CA LEU A 119 -12.98 4.05 16.28
C LEU A 119 -13.65 2.82 16.88
N SER A 120 -12.85 1.83 17.23
CA SER A 120 -13.37 0.62 17.86
C SER A 120 -12.87 0.70 19.30
N GLY A 121 -12.88 -0.44 19.99
CA GLY A 121 -12.42 -0.44 21.37
C GLY A 121 -10.93 -0.25 21.53
N ASN A 122 -10.15 -0.58 20.52
CA ASN A 122 -8.69 -0.48 20.61
C ASN A 122 -7.99 0.05 19.35
N ARG A 123 -8.76 0.43 18.35
CA ARG A 123 -8.15 0.90 17.11
C ARG A 123 -8.84 2.13 16.52
N LEU A 124 -8.05 3.15 16.22
CA LEU A 124 -8.54 4.39 15.64
C LEU A 124 -7.93 4.58 14.24
N VAL A 125 -8.78 4.68 13.23
CA VAL A 125 -8.33 4.86 11.87
C VAL A 125 -8.82 6.22 11.38
N ILE A 126 -7.87 7.11 11.06
CA ILE A 126 -8.22 8.45 10.59
C ILE A 126 -7.81 8.65 9.14
N VAL A 127 -8.74 9.18 8.35
CA VAL A 127 -8.49 9.45 6.94
C VAL A 127 -8.61 10.95 6.67
N ILE A 128 -7.55 11.55 6.16
CA ILE A 128 -7.55 12.98 5.86
C ILE A 128 -7.21 13.20 4.39
N THR A 129 -8.12 13.86 3.68
CA THR A 129 -7.90 14.13 2.27
C THR A 129 -7.73 15.62 1.99
N GLY A 130 -7.24 15.95 0.80
CA GLY A 130 -7.04 17.35 0.47
C GLY A 130 -5.84 17.90 1.22
N VAL A 131 -4.84 17.06 1.45
CA VAL A 131 -3.65 17.48 2.17
C VAL A 131 -2.36 17.30 1.36
N PRO A 132 -1.69 18.42 1.03
CA PRO A 132 -0.43 18.40 0.26
C PRO A 132 0.72 17.92 1.15
N GLU A 133 1.89 17.72 0.56
CA GLU A 133 3.04 17.24 1.32
C GLU A 133 3.40 18.02 2.58
N GLN A 134 3.44 19.35 2.46
CA GLN A 134 3.77 20.21 3.60
C GLN A 134 2.83 19.98 4.81
N VAL A 135 1.54 19.79 4.52
CA VAL A 135 0.54 19.57 5.56
C VAL A 135 0.66 18.15 6.15
N ARG A 136 0.91 17.17 5.31
CA ARG A 136 1.06 15.79 5.78
C ARG A 136 2.23 15.67 6.76
N LYS A 137 3.28 16.47 6.52
CA LYS A 137 4.45 16.50 7.40
C LYS A 137 4.05 16.97 8.81
N GLU A 138 3.25 18.03 8.86
CA GLU A 138 2.79 18.57 10.14
C GLU A 138 1.85 17.62 10.87
N LEU A 139 0.97 16.95 10.12
CA LEU A 139 0.03 16.01 10.70
C LEU A 139 0.79 14.82 11.27
N ALA A 140 1.86 14.42 10.59
CA ALA A 140 2.69 13.30 11.05
C ALA A 140 3.40 13.73 12.33
N LYS A 141 3.79 15.00 12.41
CA LYS A 141 4.47 15.50 13.60
C LYS A 141 3.53 15.42 14.80
N GLU A 142 2.26 15.71 14.56
CA GLU A 142 1.24 15.66 15.60
C GLU A 142 0.99 14.23 16.05
N ALA A 143 0.95 13.31 15.08
CA ALA A 143 0.72 11.91 15.39
C ALA A 143 1.86 11.36 16.24
N GLU A 144 3.09 11.74 15.89
CA GLU A 144 4.26 11.29 16.64
C GLU A 144 4.25 11.86 18.04
N ARG A 145 3.69 13.05 18.20
CA ARG A 145 3.63 13.68 19.53
C ARG A 145 2.62 12.95 20.40
N LEU A 146 1.51 12.52 19.78
CA LEU A 146 0.46 11.79 20.48
C LEU A 146 0.98 10.40 20.84
N LYS A 147 1.77 9.84 19.93
CA LYS A 147 2.36 8.51 20.11
C LYS A 147 3.21 8.49 21.37
N ALA A 148 4.10 9.48 21.46
CA ALA A 148 5.00 9.63 22.59
C ALA A 148 4.26 9.97 23.87
N GLU A 149 3.27 10.84 23.74
CA GLU A 149 2.47 11.29 24.85
C GLU A 149 1.55 10.24 25.49
N PHE A 150 1.08 9.28 24.70
CA PHE A 150 0.17 8.26 25.24
C PHE A 150 0.64 6.83 25.11
N ASN A 151 1.78 6.62 24.47
CA ASN A 151 2.28 5.28 24.27
C ASN A 151 1.25 4.45 23.51
N ILE A 152 1.02 4.84 22.27
CA ILE A 152 0.09 4.12 21.40
C ILE A 152 0.83 3.94 20.08
N ASN A 153 0.59 2.83 19.39
CA ASN A 153 1.25 2.58 18.12
C ASN A 153 0.58 3.36 17.00
N VAL A 154 1.39 3.82 16.06
CA VAL A 154 0.89 4.59 14.93
C VAL A 154 1.46 4.07 13.61
N GLN A 155 0.57 3.87 12.63
CA GLN A 155 0.96 3.43 11.29
C GLN A 155 0.45 4.48 10.33
N TYR A 156 1.11 4.63 9.19
CA TYR A 156 0.69 5.61 8.19
C TYR A 156 0.67 5.03 6.78
N GLN A 157 -0.27 5.53 5.97
CA GLN A 157 -0.34 5.16 4.56
C GLN A 157 -0.67 6.47 3.87
N ILE A 158 0.15 6.85 2.91
CA ILE A 158 -0.05 8.10 2.18
C ILE A 158 -0.13 7.83 0.68
N THR A 160 -0.30 9.99 -2.99
CA THR A 160 -0.17 11.29 -3.66
C THR A 160 0.16 11.06 -5.10
N GLY A 161 -0.70 11.50 -6.01
CA GLY A 161 -0.43 11.29 -7.40
C GLY A 161 -0.15 9.81 -7.57
N SER A 162 1.01 9.48 -8.12
CA SER A 162 1.39 8.10 -8.40
C SER A 162 2.24 7.42 -7.32
N LEU A 163 2.08 7.84 -6.07
CA LEU A 163 2.87 7.28 -4.98
C LEU A 163 2.05 6.73 -3.84
N GLU A 164 2.46 5.58 -3.32
CA GLU A 164 1.82 5.00 -2.15
C GLU A 164 2.98 4.78 -1.16
N HIS A 165 2.85 5.38 0.01
CA HIS A 165 3.89 5.32 1.03
C HIS A 165 3.38 4.73 2.33
N HIS A 166 4.08 3.70 2.83
CA HIS A 166 3.73 3.04 4.09
C HIS A 166 4.82 3.23 5.13
N HIS A 167 4.42 3.52 6.37
CA HIS A 167 5.41 3.72 7.42
C HIS A 167 4.98 3.21 8.80
N HIS A 168 5.88 2.44 9.45
CA HIS A 168 5.66 1.93 10.82
C HIS A 168 6.98 2.22 11.57
N HIS A 169 6.90 2.44 12.88
CA HIS A 169 8.07 2.76 13.69
C HIS A 169 9.07 1.64 14.00
N HIS A 170 10.34 2.03 14.19
CA HIS A 170 11.49 1.16 14.54
C HIS A 170 12.75 1.29 13.67
N GLY B 2 13.95 -11.68 10.28
CA GLY B 2 14.17 -11.11 8.96
C GLY B 2 12.83 -10.88 8.27
N VAL B 3 12.88 -10.24 7.10
CA VAL B 3 11.66 -9.94 6.35
C VAL B 3 11.84 -10.26 4.87
N VAL B 5 10.15 -9.33 0.70
CA VAL B 5 9.25 -8.57 -0.17
C VAL B 5 9.11 -9.35 -1.47
N ILE B 6 7.87 -9.56 -1.89
CA ILE B 6 7.60 -10.29 -3.12
C ILE B 6 6.74 -9.43 -4.03
N VAL B 7 7.11 -9.33 -5.30
CA VAL B 7 6.33 -8.53 -6.24
C VAL B 7 6.00 -9.28 -7.54
N PHE B 8 4.71 -9.52 -7.76
CA PHE B 8 4.23 -10.18 -8.96
C PHE B 8 3.77 -9.07 -9.91
N GLU B 9 3.84 -9.35 -11.21
CA GLU B 9 3.44 -8.39 -12.24
C GLU B 9 2.85 -9.14 -13.42
N GLY B 10 1.84 -8.56 -14.05
CA GLY B 10 1.21 -9.19 -15.19
C GLY B 10 -0.01 -8.41 -15.68
N ASP B 11 -0.36 -8.61 -16.95
CA ASP B 11 -1.53 -7.93 -17.53
C ASP B 11 -2.85 -8.51 -17.02
N ASP B 12 -2.85 -9.80 -16.67
CA ASP B 12 -4.06 -10.46 -16.19
C ASP B 12 -4.27 -10.26 -14.68
N LEU B 13 -5.15 -9.33 -14.31
CA LEU B 13 -5.43 -9.06 -12.91
C LEU B 13 -5.98 -10.26 -12.16
N GLU B 14 -6.82 -11.03 -12.85
CA GLU B 14 -7.43 -12.20 -12.26
C GLU B 14 -6.33 -13.18 -11.84
N ALA B 15 -5.37 -13.38 -12.72
CA ALA B 15 -4.24 -14.26 -12.45
C ALA B 15 -3.46 -13.75 -11.25
N LEU B 16 -3.27 -12.44 -11.19
CA LEU B 16 -2.54 -11.84 -10.07
C LEU B 16 -3.24 -12.11 -8.74
N GLU B 17 -4.57 -11.97 -8.75
CA GLU B 17 -5.36 -12.20 -7.54
C GLU B 17 -5.40 -13.67 -7.09
N LYS B 18 -5.38 -14.60 -8.03
CA LYS B 18 -5.36 -16.02 -7.67
C LYS B 18 -4.03 -16.30 -6.97
N ALA B 19 -2.96 -15.73 -7.54
CA ALA B 19 -1.63 -15.87 -7.00
C ALA B 19 -1.57 -15.30 -5.59
N LEU B 20 -2.22 -14.16 -5.41
CA LEU B 20 -2.24 -13.49 -4.11
C LEU B 20 -2.85 -14.36 -3.02
N LYS B 21 -3.98 -14.97 -3.32
CA LYS B 21 -4.68 -15.80 -2.36
C LYS B 21 -3.86 -17.04 -1.98
N GLU B 22 -3.17 -17.62 -2.95
CA GLU B 22 -2.36 -18.80 -2.69
C GLU B 22 -1.15 -18.42 -1.83
N ILE B 24 -1.01 -15.89 0.30
CA ILE B 24 -1.56 -15.57 1.62
C ILE B 24 -1.82 -16.85 2.39
N ARG B 25 -2.29 -17.87 1.68
CA ARG B 25 -2.59 -19.14 2.30
C ARG B 25 -1.31 -19.79 2.82
N GLN B 26 -0.32 -19.88 1.95
CA GLN B 26 0.98 -20.47 2.30
C GLN B 26 1.64 -19.75 3.48
N ALA B 27 1.70 -18.42 3.40
CA ALA B 27 2.34 -17.64 4.46
C ALA B 27 1.64 -17.79 5.81
N ARG B 28 0.31 -17.81 5.79
CA ARG B 28 -0.45 -17.93 7.01
C ARG B 28 -0.36 -19.34 7.58
N LYS B 29 -0.12 -20.31 6.70
CA LYS B 29 0.03 -21.70 7.12
C LYS B 29 1.27 -21.79 8.02
N PHE B 30 2.27 -20.97 7.72
CA PHE B 30 3.50 -20.92 8.50
C PHE B 30 3.43 -19.86 9.59
N ALA B 31 2.22 -19.38 9.87
CA ALA B 31 1.99 -18.37 10.90
C ALA B 31 2.63 -17.02 10.57
N GLY B 32 2.81 -16.74 9.28
CA GLY B 32 3.40 -15.46 8.92
C GLY B 32 2.37 -14.35 8.83
N THR B 33 2.85 -13.11 8.83
CA THR B 33 1.96 -11.95 8.72
C THR B 33 2.17 -11.34 7.34
N VAL B 34 1.09 -11.24 6.57
CA VAL B 34 1.17 -10.72 5.23
C VAL B 34 0.50 -9.38 5.00
N THR B 35 1.25 -8.48 4.38
CA THR B 35 0.75 -7.15 4.01
C THR B 35 0.77 -7.21 2.50
N TYR B 36 -0.31 -6.81 1.84
CA TYR B 36 -0.33 -6.86 0.39
C TYR B 36 -1.01 -5.65 -0.22
N THR B 37 -0.59 -5.32 -1.44
CA THR B 37 -1.11 -4.18 -2.17
C THR B 37 -1.23 -4.49 -3.66
N LEU B 38 -2.41 -4.24 -4.22
CA LEU B 38 -2.61 -4.42 -5.66
C LEU B 38 -2.84 -3.00 -6.15
N SER B 39 -2.03 -2.57 -7.11
CA SER B 39 -2.12 -1.22 -7.68
C SER B 39 -1.61 -1.29 -9.11
N GLY B 40 -2.47 -0.95 -10.06
CA GLY B 40 -2.09 -1.03 -11.45
C GLY B 40 -1.91 -2.51 -11.74
N ASN B 41 -0.76 -2.88 -12.30
CA ASN B 41 -0.52 -4.28 -12.58
C ASN B 41 0.59 -4.87 -11.75
N ARG B 42 0.80 -4.30 -10.58
CA ARG B 42 1.81 -4.80 -9.66
C ARG B 42 1.07 -5.33 -8.42
N LEU B 43 1.63 -6.38 -7.82
CA LEU B 43 1.09 -6.96 -6.61
C LEU B 43 2.30 -7.05 -5.66
N VAL B 44 2.30 -6.22 -4.63
CA VAL B 44 3.40 -6.17 -3.67
C VAL B 44 3.01 -6.84 -2.37
N ILE B 45 3.76 -7.88 -2.00
CA ILE B 45 3.50 -8.64 -0.79
C ILE B 45 4.68 -8.60 0.16
N VAL B 46 4.43 -8.19 1.40
CA VAL B 46 5.48 -8.16 2.40
C VAL B 46 5.11 -9.20 3.45
N ILE B 47 6.05 -10.09 3.75
CA ILE B 47 5.81 -11.14 4.72
C ILE B 47 6.83 -11.05 5.86
N THR B 48 6.33 -11.04 7.09
CA THR B 48 7.20 -10.94 8.26
C THR B 48 6.77 -11.99 9.28
N GLY B 49 7.51 -12.08 10.38
CA GLY B 49 7.17 -13.03 11.42
C GLY B 49 7.58 -14.47 11.20
N VAL B 50 8.36 -14.74 10.16
CA VAL B 50 8.81 -16.10 9.90
C VAL B 50 10.32 -16.16 9.79
N PRO B 51 10.93 -17.29 10.20
CA PRO B 51 12.38 -17.48 10.16
C PRO B 51 12.92 -17.69 8.75
N GLU B 52 14.23 -17.53 8.61
CA GLU B 52 14.94 -17.66 7.35
C GLU B 52 14.54 -18.88 6.53
N GLN B 53 14.43 -20.04 7.17
CA GLN B 53 14.07 -21.26 6.43
C GLN B 53 12.64 -21.25 5.89
N VAL B 54 11.76 -20.50 6.55
CA VAL B 54 10.39 -20.43 6.07
C VAL B 54 10.32 -19.43 4.91
N ARG B 55 11.10 -18.36 5.00
CA ARG B 55 11.15 -17.39 3.94
C ARG B 55 11.61 -18.07 2.65
N LYS B 56 12.57 -18.99 2.76
CA LYS B 56 13.07 -19.72 1.59
C LYS B 56 11.95 -20.55 0.97
N GLU B 57 11.15 -21.19 1.82
CA GLU B 57 10.04 -22.00 1.34
C GLU B 57 9.01 -21.11 0.65
N LEU B 58 8.73 -19.96 1.25
CA LEU B 58 7.77 -19.04 0.67
C LEU B 58 8.24 -18.51 -0.69
N ALA B 59 9.56 -18.36 -0.86
CA ALA B 59 10.11 -17.88 -2.12
C ALA B 59 9.94 -18.96 -3.20
N LYS B 60 10.09 -20.21 -2.81
CA LYS B 60 9.95 -21.34 -3.71
C LYS B 60 8.51 -21.34 -4.22
N GLU B 61 7.59 -21.12 -3.30
CA GLU B 61 6.17 -21.09 -3.63
C GLU B 61 5.85 -19.92 -4.58
N ALA B 62 6.56 -18.80 -4.43
CA ALA B 62 6.35 -17.66 -5.30
C ALA B 62 6.75 -18.02 -6.72
N GLU B 63 7.86 -18.73 -6.88
CA GLU B 63 8.33 -19.15 -8.20
C GLU B 63 7.37 -20.18 -8.81
N ARG B 64 6.74 -20.98 -7.94
CA ARG B 64 5.80 -21.99 -8.42
C ARG B 64 4.58 -21.27 -9.01
N LEU B 65 4.08 -20.27 -8.29
CA LEU B 65 2.92 -19.50 -8.73
C LEU B 65 3.21 -18.77 -10.03
N LYS B 66 4.45 -18.28 -10.16
CA LYS B 66 4.89 -17.56 -11.35
C LYS B 66 4.63 -18.41 -12.60
N ALA B 67 5.02 -19.68 -12.54
CA ALA B 67 4.84 -20.60 -13.66
C ALA B 67 3.39 -21.06 -13.82
N GLU B 68 2.70 -21.26 -12.71
CA GLU B 68 1.33 -21.71 -12.75
C GLU B 68 0.37 -20.71 -13.38
N PHE B 69 0.56 -19.43 -13.04
CA PHE B 69 -0.31 -18.38 -13.56
C PHE B 69 0.29 -17.54 -14.66
N ASN B 70 1.52 -17.89 -15.06
CA ASN B 70 2.19 -17.16 -16.11
C ASN B 70 2.31 -15.66 -15.84
N ILE B 71 2.90 -15.33 -14.70
CA ILE B 71 3.10 -13.94 -14.30
C ILE B 71 4.55 -13.79 -13.85
N ASN B 72 5.07 -12.56 -13.93
CA ASN B 72 6.44 -12.33 -13.50
C ASN B 72 6.52 -12.13 -12.00
N VAL B 73 7.64 -12.51 -11.41
CA VAL B 73 7.83 -12.36 -9.98
C VAL B 73 9.28 -12.13 -9.61
N GLN B 74 9.48 -11.38 -8.53
CA GLN B 74 10.80 -11.11 -8.00
C GLN B 74 10.59 -11.05 -6.50
N TYR B 75 11.67 -11.21 -5.76
CA TYR B 75 11.57 -11.17 -4.31
C TYR B 75 12.94 -10.93 -3.71
N GLN B 76 12.92 -10.40 -2.50
CA GLN B 76 14.14 -10.13 -1.77
C GLN B 76 13.89 -10.56 -0.33
N ILE B 77 14.92 -11.12 0.29
CA ILE B 77 14.87 -11.62 1.68
C ILE B 77 15.96 -10.89 2.36
N GLY B 79 17.51 -8.74 6.26
CA GLY B 79 17.48 -8.51 7.72
C GLY B 79 16.41 -7.52 8.12
N SER B 80 16.32 -6.44 7.35
CA SER B 80 15.38 -5.37 7.64
C SER B 80 15.09 -4.64 6.35
N GLY B 81 13.96 -3.94 6.32
CA GLY B 81 13.61 -3.20 5.12
C GLY B 81 14.60 -2.09 4.88
N SER B 82 14.76 -1.23 5.89
CA SER B 82 15.68 -0.11 5.80
C SER B 82 15.46 0.74 4.56
N GLY B 83 14.19 1.06 4.28
CA GLY B 83 13.87 1.88 3.14
C GLY B 83 13.74 1.06 1.87
N VAL B 84 12.49 0.71 1.54
CA VAL B 84 12.20 -0.08 0.36
C VAL B 84 11.49 0.77 -0.68
N VAL B 86 9.72 0.49 -4.65
CA VAL B 86 9.29 -0.30 -5.79
C VAL B 86 8.93 0.72 -6.86
N ILE B 87 9.56 0.61 -8.02
CA ILE B 87 9.26 1.54 -9.11
C ILE B 87 8.78 0.75 -10.32
N VAL B 88 7.67 1.20 -10.90
CA VAL B 88 7.11 0.53 -12.06
C VAL B 88 7.12 1.46 -13.27
N PHE B 89 7.64 0.93 -14.38
CA PHE B 89 7.71 1.66 -15.65
C PHE B 89 6.86 0.96 -16.71
N GLU B 90 6.00 1.74 -17.38
CA GLU B 90 5.10 1.20 -18.40
C GLU B 90 5.30 1.96 -19.71
N GLY B 91 5.46 1.22 -20.81
CA GLY B 91 5.67 1.86 -22.10
C GLY B 91 5.57 0.90 -23.26
N ASP B 92 5.33 1.44 -24.46
CA ASP B 92 5.19 0.64 -25.68
C ASP B 92 6.53 0.31 -26.33
N ASP B 93 7.58 1.05 -25.97
CA ASP B 93 8.90 0.81 -26.54
C ASP B 93 9.79 0.04 -25.57
N LEU B 94 9.98 -1.25 -25.82
CA LEU B 94 10.80 -2.09 -24.97
C LEU B 94 12.21 -1.52 -24.80
N GLU B 95 12.78 -1.01 -25.89
CA GLU B 95 14.13 -0.44 -25.83
C GLU B 95 14.22 0.68 -24.81
N ALA B 96 13.14 1.44 -24.68
CA ALA B 96 13.10 2.54 -23.71
C ALA B 96 13.11 1.96 -22.29
N LEU B 97 12.34 0.89 -22.10
CA LEU B 97 12.27 0.24 -20.79
C LEU B 97 13.63 -0.37 -20.40
N GLU B 98 14.36 -0.89 -21.38
CA GLU B 98 15.66 -1.47 -21.08
C GLU B 98 16.65 -0.39 -20.68
N LYS B 99 16.53 0.77 -21.30
CA LYS B 99 17.41 1.89 -20.99
C LYS B 99 17.12 2.38 -19.58
N ALA B 100 15.84 2.42 -19.22
CA ALA B 100 15.44 2.86 -17.88
C ALA B 100 15.99 1.88 -16.85
N LEU B 101 15.90 0.59 -17.15
CA LEU B 101 16.41 -0.44 -16.26
C LEU B 101 17.91 -0.24 -16.05
N LYS B 102 18.62 0.01 -17.15
CA LYS B 102 20.05 0.22 -17.08
C LYS B 102 20.41 1.46 -16.24
N GLU B 103 19.70 2.55 -16.44
CA GLU B 103 19.99 3.78 -15.68
C GLU B 103 19.60 3.71 -14.20
N ILE B 105 19.56 1.01 -12.43
CA ILE B 105 20.55 0.10 -11.85
C ILE B 105 21.82 0.87 -11.53
N ARG B 106 22.28 1.66 -12.50
CA ARG B 106 23.50 2.46 -12.33
C ARG B 106 23.34 3.33 -11.08
N GLN B 107 22.24 4.07 -11.02
CA GLN B 107 21.99 4.94 -9.88
C GLN B 107 21.89 4.18 -8.57
N ALA B 108 21.26 3.00 -8.62
CA ALA B 108 21.09 2.20 -7.42
C ALA B 108 22.43 1.72 -6.86
N ARG B 109 23.26 1.15 -7.72
CA ARG B 109 24.59 0.65 -7.32
C ARG B 109 25.43 1.77 -6.70
N LYS B 110 25.33 2.95 -7.28
CA LYS B 110 26.07 4.11 -6.82
C LYS B 110 25.75 4.43 -5.37
N PHE B 111 24.56 4.01 -4.91
CA PHE B 111 24.14 4.26 -3.54
C PHE B 111 24.07 3.02 -2.68
N ALA B 112 24.56 1.90 -3.20
CA ALA B 112 24.56 0.64 -2.44
C ALA B 112 23.18 0.08 -2.14
N GLY B 113 22.20 0.36 -3.00
CA GLY B 113 20.88 -0.20 -2.79
C GLY B 113 20.86 -1.58 -3.43
N THR B 114 20.12 -2.52 -2.87
CA THR B 114 20.08 -3.85 -3.45
C THR B 114 18.92 -3.90 -4.43
N VAL B 115 19.24 -4.28 -5.67
CA VAL B 115 18.24 -4.30 -6.74
C VAL B 115 17.88 -5.63 -7.37
N THR B 116 16.58 -5.78 -7.63
CA THR B 116 16.04 -6.93 -8.35
C THR B 116 15.03 -6.29 -9.29
N TYR B 117 14.59 -7.02 -10.31
CA TYR B 117 13.65 -6.45 -11.26
C TYR B 117 12.99 -7.55 -12.09
N THR B 118 11.89 -7.19 -12.75
CA THR B 118 11.19 -8.09 -13.66
C THR B 118 10.94 -7.20 -14.87
N LEU B 119 10.96 -7.79 -16.06
CA LEU B 119 10.72 -7.01 -17.28
C LEU B 119 9.97 -7.84 -18.30
N SER B 120 8.79 -7.36 -18.68
CA SER B 120 7.99 -8.05 -19.69
C SER B 120 8.13 -7.22 -20.96
N GLY B 121 7.27 -7.46 -21.93
CA GLY B 121 7.36 -6.70 -23.17
C GLY B 121 6.91 -5.27 -23.02
N ASN B 122 6.16 -4.96 -21.95
CA ASN B 122 5.67 -3.61 -21.75
C ASN B 122 5.72 -3.06 -20.33
N ARG B 123 6.23 -3.84 -19.39
CA ARG B 123 6.28 -3.36 -18.01
C ARG B 123 7.56 -3.72 -17.25
N LEU B 124 8.18 -2.69 -16.68
CA LEU B 124 9.41 -2.84 -15.90
C LEU B 124 9.11 -2.56 -14.43
N VAL B 125 9.45 -3.52 -13.57
CA VAL B 125 9.23 -3.39 -12.13
C VAL B 125 10.58 -3.55 -11.42
N ILE B 126 10.98 -2.52 -10.70
CA ILE B 126 12.25 -2.56 -9.99
C ILE B 126 12.03 -2.46 -8.49
N VAL B 127 12.69 -3.33 -7.75
CA VAL B 127 12.60 -3.31 -6.30
C VAL B 127 13.97 -3.00 -5.73
N ILE B 128 14.06 -1.92 -4.95
CA ILE B 128 15.33 -1.53 -4.37
C ILE B 128 15.19 -1.43 -2.85
N THR B 129 16.01 -2.20 -2.14
CA THR B 129 15.97 -2.18 -0.68
C THR B 129 17.23 -1.58 -0.09
N GLY B 130 17.16 -1.22 1.18
CA GLY B 130 18.29 -0.63 1.87
C GLY B 130 18.64 0.78 1.39
N VAL B 131 17.63 1.56 1.01
CA VAL B 131 17.87 2.92 0.56
C VAL B 131 17.17 3.96 1.43
N PRO B 132 17.95 4.81 2.11
CA PRO B 132 17.44 5.86 3.00
C PRO B 132 16.82 7.04 2.24
N GLU B 133 16.11 7.90 2.97
CA GLU B 133 15.44 9.06 2.38
C GLU B 133 16.19 9.83 1.30
N GLN B 134 17.39 10.29 1.60
CA GLN B 134 18.15 11.07 0.62
C GLN B 134 18.45 10.27 -0.64
N VAL B 135 18.68 8.97 -0.51
CA VAL B 135 18.94 8.12 -1.66
C VAL B 135 17.67 7.92 -2.47
N ARG B 136 16.54 7.74 -1.78
CA ARG B 136 15.26 7.54 -2.45
C ARG B 136 14.87 8.80 -3.23
N LYS B 137 15.27 9.96 -2.72
CA LYS B 137 14.96 11.22 -3.38
C LYS B 137 15.67 11.25 -4.73
N GLU B 138 16.94 10.86 -4.74
CA GLU B 138 17.71 10.84 -5.98
C GLU B 138 17.17 9.80 -6.96
N LEU B 139 16.81 8.62 -6.44
CA LEU B 139 16.28 7.56 -7.29
C LEU B 139 15.00 8.00 -7.99
N ALA B 140 14.16 8.76 -7.28
CA ALA B 140 12.90 9.26 -7.85
C ALA B 140 13.22 10.33 -8.90
N LYS B 141 14.27 11.10 -8.66
CA LYS B 141 14.66 12.14 -9.62
C LYS B 141 15.02 11.47 -10.94
N GLU B 142 15.76 10.37 -10.85
CA GLU B 142 16.18 9.64 -12.05
C GLU B 142 14.94 9.07 -12.73
N ALA B 143 14.05 8.47 -11.95
CA ALA B 143 12.82 7.88 -12.49
C ALA B 143 11.99 8.92 -13.25
N GLU B 144 11.86 10.12 -12.70
CA GLU B 144 11.10 11.17 -13.36
C GLU B 144 11.79 11.67 -14.63
N ARG B 145 13.12 11.66 -14.65
CA ARG B 145 13.86 12.09 -15.83
C ARG B 145 13.56 11.12 -16.96
N LEU B 146 13.61 9.82 -16.65
CA LEU B 146 13.35 8.79 -17.62
C LEU B 146 11.93 8.90 -18.16
N LYS B 147 11.01 9.23 -17.27
CA LYS B 147 9.60 9.40 -17.61
C LYS B 147 9.45 10.50 -18.66
N ALA B 148 10.10 11.64 -18.44
CA ALA B 148 10.03 12.76 -19.36
C ALA B 148 10.83 12.48 -20.64
N GLU B 149 12.01 11.91 -20.48
CA GLU B 149 12.90 11.59 -21.59
C GLU B 149 12.32 10.56 -22.57
N PHE B 150 11.69 9.51 -22.05
CA PHE B 150 11.15 8.44 -22.89
C PHE B 150 9.62 8.38 -22.97
N ASN B 151 8.94 9.27 -22.24
CA ASN B 151 7.49 9.29 -22.27
C ASN B 151 6.87 7.96 -21.83
N ILE B 152 7.28 7.48 -20.66
CA ILE B 152 6.75 6.24 -20.10
C ILE B 152 6.13 6.56 -18.76
N ASN B 153 5.11 5.81 -18.37
CA ASN B 153 4.43 6.07 -17.10
C ASN B 153 5.20 5.42 -15.96
N VAL B 154 5.16 6.05 -14.80
CA VAL B 154 5.85 5.54 -13.62
C VAL B 154 5.00 5.60 -12.36
N GLN B 155 5.06 4.55 -11.55
CA GLN B 155 4.33 4.49 -10.29
C GLN B 155 5.33 4.08 -9.23
N TYR B 156 5.10 4.52 -8.00
CA TYR B 156 6.01 4.22 -6.90
C TYR B 156 5.30 3.67 -5.67
N GLN B 157 6.01 2.82 -4.92
CA GLN B 157 5.50 2.32 -3.65
C GLN B 157 6.70 2.31 -2.73
N ILE B 158 6.60 3.01 -1.62
CA ILE B 158 7.69 3.12 -0.67
C ILE B 158 7.27 2.67 0.72
N THR B 160 8.81 2.73 4.53
CA THR B 160 9.84 3.20 5.46
C THR B 160 9.58 2.68 6.87
N GLY B 161 10.58 2.84 7.73
CA GLY B 161 10.48 2.36 9.09
C GLY B 161 10.57 0.84 9.08
N SER B 162 9.99 0.21 10.09
CA SER B 162 9.98 -1.25 10.19
C SER B 162 8.90 -1.82 9.29
N LEU B 163 9.16 -3.00 8.73
CA LEU B 163 8.18 -3.67 7.87
C LEU B 163 7.35 -4.54 8.79
N GLU B 164 7.81 -4.67 10.03
CA GLU B 164 7.14 -5.51 11.01
C GLU B 164 5.98 -4.86 11.73
N HIS B 165 5.09 -5.68 12.24
CA HIS B 165 3.96 -5.15 13.00
C HIS B 165 4.22 -5.44 14.47
N HIS B 166 4.68 -6.64 14.80
CA HIS B 166 5.02 -6.98 16.18
C HIS B 166 6.40 -7.65 16.16
#